data_3GMG
#
_entry.id   3GMG
#
_cell.length_a   55.815
_cell.length_b   65.173
_cell.length_c   85.013
_cell.angle_alpha   90.000
_cell.angle_beta   90.000
_cell.angle_gamma   90.000
#
_symmetry.space_group_name_H-M   'P 21 21 21'
#
loop_
_entity.id
_entity.type
_entity.pdbx_description
1 polymer 'Uncharacterized protein Rv1825/MT1873'
2 water water
#
_entity_poly.entity_id   1
_entity_poly.type   'polypeptide(L)'
_entity_poly.pdbx_seq_one_letter_code
;MSLQASGNTDQAALESAQARLAALSILVGAVGATGPGVMITIDDPGPGVAPEVMIDVINELRAAGAEAIQINDAHRSVRV
GVDTWVVGVPGSLTVDTKVLSPPYSILAIGDPPTLAAAMNIPGGAQDGVKRVGGRMVVQQADRVDVTALRQPKQHQYAQP
VKEGHHHHHH
;
_entity_poly.pdbx_strand_id   A,B
#
# COMPACT_ATOMS: atom_id res chain seq x y z
N ALA A 19 -4.61 -8.21 -23.37
CA ALA A 19 -3.26 -7.60 -23.14
C ALA A 19 -3.25 -6.81 -21.83
N ARG A 20 -4.18 -5.85 -21.74
CA ARG A 20 -4.31 -4.97 -20.58
C ARG A 20 -4.79 -5.74 -19.34
N LEU A 21 -5.63 -6.76 -19.57
CA LEU A 21 -6.15 -7.61 -18.50
C LEU A 21 -5.04 -8.39 -17.81
N ALA A 22 -4.09 -8.91 -18.59
CA ALA A 22 -2.95 -9.63 -18.03
C ALA A 22 -2.08 -8.70 -17.19
N ALA A 23 -1.78 -7.52 -17.71
CA ALA A 23 -0.93 -6.55 -17.01
C ALA A 23 -1.56 -6.16 -15.67
N LEU A 24 -2.83 -5.80 -15.70
CA LEU A 24 -3.59 -5.47 -14.49
C LEU A 24 -3.60 -6.65 -13.52
N SER A 25 -3.83 -7.85 -14.05
CA SER A 25 -3.95 -9.03 -13.23
C SER A 25 -2.63 -9.36 -12.54
N ILE A 26 -1.52 -9.14 -13.24
CA ILE A 26 -0.21 -9.33 -12.61
C ILE A 26 0.02 -8.27 -11.53
N LEU A 27 -0.25 -7.00 -11.86
CA LEU A 27 -0.06 -5.90 -10.91
C LEU A 27 -0.74 -6.15 -9.56
N VAL A 28 -1.99 -6.59 -9.61
CA VAL A 28 -2.79 -6.72 -8.42
C VAL A 28 -2.63 -8.08 -7.75
N GLY A 29 -1.82 -8.96 -8.35
CA GLY A 29 -1.56 -10.27 -7.77
C GLY A 29 -2.69 -11.27 -8.02
N ALA A 30 -3.47 -11.03 -9.06
CA ALA A 30 -4.58 -11.92 -9.41
C ALA A 30 -4.14 -13.19 -10.13
N VAL A 31 -3.01 -13.12 -10.84
CA VAL A 31 -2.46 -14.25 -11.58
C VAL A 31 -0.97 -14.31 -11.36
N GLY A 32 -0.41 -15.47 -11.70
CA GLY A 32 1.02 -15.68 -11.64
C GLY A 32 1.79 -14.86 -12.66
N ALA A 33 3.09 -14.79 -12.46
CA ALA A 33 3.99 -14.08 -13.36
C ALA A 33 5.30 -14.84 -13.47
N THR A 34 5.96 -14.61 -14.58
CA THR A 34 7.28 -15.16 -14.83
C THR A 34 8.17 -14.11 -15.52
N GLY A 35 9.46 -14.20 -15.29
CA GLY A 35 10.42 -13.33 -15.92
C GLY A 35 11.77 -13.46 -15.25
N PRO A 36 12.77 -12.69 -15.67
CA PRO A 36 14.04 -12.73 -14.98
C PRO A 36 13.89 -12.21 -13.57
N GLY A 37 14.80 -12.57 -12.69
CA GLY A 37 14.73 -12.04 -11.36
C GLY A 37 15.81 -12.63 -10.45
N VAL A 38 15.47 -12.73 -9.18
CA VAL A 38 16.34 -13.34 -8.18
C VAL A 38 15.56 -14.28 -7.28
N MET A 39 16.29 -15.26 -6.73
CA MET A 39 15.84 -16.03 -5.58
C MET A 39 16.78 -15.72 -4.43
N ILE A 40 16.19 -15.35 -3.32
CA ILE A 40 16.91 -14.98 -2.12
C ILE A 40 16.61 -16.03 -1.07
N THR A 41 17.65 -16.67 -0.55
CA THR A 41 17.50 -17.62 0.55
C THR A 41 18.00 -16.97 1.84
N ILE A 42 17.21 -17.07 2.90
CA ILE A 42 17.61 -16.58 4.22
C ILE A 42 17.62 -17.76 5.19
N ASP A 43 18.81 -18.12 5.64
CA ASP A 43 18.96 -19.11 6.70
C ASP A 43 19.08 -18.35 8.02
N ASP A 44 18.29 -18.76 9.00
CA ASP A 44 18.17 -18.06 10.27
C ASP A 44 18.24 -19.07 11.42
N PRO A 45 19.45 -19.57 11.69
CA PRO A 45 19.59 -20.66 12.69
C PRO A 45 19.37 -20.26 14.16
N GLY A 46 19.36 -18.97 14.48
CA GLY A 46 19.17 -18.53 15.88
C GLY A 46 17.92 -19.08 16.55
N PRO A 47 16.74 -18.70 16.05
CA PRO A 47 16.46 -17.70 15.01
C PRO A 47 16.52 -16.29 15.59
N GLY A 48 16.89 -15.34 14.73
CA GLY A 48 16.92 -13.94 15.12
C GLY A 48 16.33 -12.94 14.15
N VAL A 49 15.77 -13.39 13.02
CA VAL A 49 15.30 -12.43 12.00
C VAL A 49 13.89 -12.02 12.33
N ALA A 50 13.74 -10.73 12.66
CA ALA A 50 12.46 -10.18 13.06
C ALA A 50 11.64 -9.69 11.86
N PRO A 51 10.34 -9.42 12.07
CA PRO A 51 9.48 -8.88 11.00
C PRO A 51 10.10 -7.70 10.25
N GLU A 52 10.79 -6.83 10.97
CA GLU A 52 11.34 -5.60 10.40
C GLU A 52 12.32 -5.92 9.27
N VAL A 53 13.09 -6.97 9.45
CA VAL A 53 14.07 -7.38 8.45
C VAL A 53 13.37 -7.86 7.19
N MET A 54 12.29 -8.63 7.35
CA MET A 54 11.57 -9.12 6.18
C MET A 54 10.86 -7.97 5.45
N ILE A 55 10.35 -7.00 6.20
CA ILE A 55 9.77 -5.80 5.59
C ILE A 55 10.84 -5.05 4.79
N ASP A 56 12.04 -4.93 5.36
CA ASP A 56 13.19 -4.31 4.64
C ASP A 56 13.54 -5.05 3.34
N VAL A 57 13.51 -6.39 3.36
CA VAL A 57 13.79 -7.17 2.15
C VAL A 57 12.79 -6.77 1.06
N ILE A 58 11.53 -6.73 1.42
CA ILE A 58 10.45 -6.44 0.46
C ILE A 58 10.64 -5.03 -0.09
N ASN A 59 10.91 -4.07 0.78
CA ASN A 59 11.02 -2.68 0.34
C ASN A 59 12.28 -2.45 -0.48
N GLU A 60 13.37 -3.14 -0.17
CA GLU A 60 14.57 -3.05 -0.99
C GLU A 60 14.31 -3.59 -2.40
N LEU A 61 13.60 -4.73 -2.49
CA LEU A 61 13.29 -5.30 -3.79
C LEU A 61 12.35 -4.39 -4.59
N ARG A 62 11.36 -3.82 -3.91
CA ARG A 62 10.48 -2.84 -4.56
C ARG A 62 11.27 -1.65 -5.06
N ALA A 63 12.20 -1.16 -4.24
CA ALA A 63 13.05 -0.02 -4.64
C ALA A 63 13.71 -0.33 -5.97
N ALA A 64 14.27 -1.54 -6.09
CA ALA A 64 15.06 -2.00 -7.22
C ALA A 64 14.21 -2.39 -8.44
N GLY A 65 12.90 -2.17 -8.37
CA GLY A 65 12.01 -2.34 -9.49
C GLY A 65 11.34 -3.69 -9.60
N ALA A 66 11.31 -4.47 -8.51
CA ALA A 66 10.60 -5.72 -8.54
C ALA A 66 9.15 -5.57 -8.94
N GLU A 67 8.71 -6.40 -9.87
CA GLU A 67 7.35 -6.36 -10.41
C GLU A 67 6.43 -7.45 -9.86
N ALA A 68 7.01 -8.45 -9.18
CA ALA A 68 6.26 -9.48 -8.50
C ALA A 68 7.19 -10.02 -7.45
N ILE A 69 6.64 -10.32 -6.26
CA ILE A 69 7.41 -10.85 -5.13
C ILE A 69 6.59 -11.94 -4.45
N GLN A 70 7.25 -13.05 -4.13
CA GLN A 70 6.64 -14.13 -3.38
C GLN A 70 7.55 -14.53 -2.24
N ILE A 71 6.99 -14.74 -1.06
CA ILE A 71 7.77 -15.20 0.10
C ILE A 71 7.35 -16.63 0.42
N ASN A 72 8.32 -17.55 0.44
CA ASN A 72 8.08 -18.98 0.72
C ASN A 72 8.78 -19.38 2.01
N ASP A 73 8.23 -20.39 2.67
CA ASP A 73 9.03 -21.23 3.57
C ASP A 73 8.92 -22.65 3.07
N ALA A 74 9.28 -23.64 3.88
CA ALA A 74 9.28 -25.03 3.42
C ALA A 74 7.89 -25.50 3.00
N HIS A 75 6.84 -24.90 3.53
CA HIS A 75 5.49 -25.41 3.34
C HIS A 75 4.49 -24.44 2.74
N ARG A 76 4.73 -23.14 2.88
CA ARG A 76 3.72 -22.13 2.53
C ARG A 76 4.29 -21.04 1.64
N SER A 77 3.40 -20.36 0.92
CA SER A 77 3.77 -19.28 -0.01
C SER A 77 2.83 -18.09 0.15
N VAL A 78 3.37 -16.88 0.02
CA VAL A 78 2.58 -15.66 0.08
C VAL A 78 2.97 -14.77 -1.10
N ARG A 79 1.98 -14.35 -1.87
CA ARG A 79 2.15 -13.37 -2.92
C ARG A 79 2.12 -12.00 -2.29
N VAL A 80 3.19 -11.25 -2.43
CA VAL A 80 3.28 -9.92 -1.85
C VAL A 80 2.45 -8.94 -2.64
N GLY A 81 1.76 -8.06 -1.91
CA GLY A 81 1.08 -6.92 -2.52
C GLY A 81 1.31 -5.66 -1.73
N VAL A 82 0.68 -4.58 -2.20
CA VAL A 82 0.94 -3.24 -1.67
C VAL A 82 0.62 -3.13 -0.19
N ASP A 83 -0.39 -3.85 0.28
CA ASP A 83 -0.80 -3.83 1.68
C ASP A 83 -0.29 -5.01 2.48
N THR A 84 0.68 -5.76 1.94
CA THR A 84 1.25 -6.87 2.68
C THR A 84 1.87 -6.38 3.99
N TRP A 85 1.61 -7.12 5.06
CA TRP A 85 2.14 -6.81 6.38
C TRP A 85 2.88 -8.01 6.92
N VAL A 86 3.86 -7.75 7.78
CA VAL A 86 4.60 -8.80 8.46
C VAL A 86 4.60 -8.52 9.96
N VAL A 87 4.17 -9.50 10.74
CA VAL A 87 4.23 -9.42 12.20
C VAL A 87 4.83 -10.70 12.74
N GLY A 88 4.99 -10.77 14.06
CA GLY A 88 5.49 -11.96 14.71
C GLY A 88 6.83 -11.78 15.33
N VAL A 89 7.59 -12.87 15.40
CA VAL A 89 8.85 -12.90 16.10
C VAL A 89 9.83 -13.75 15.31
N PRO A 90 11.14 -13.66 15.62
CA PRO A 90 12.08 -14.57 14.98
C PRO A 90 11.62 -16.03 15.09
N GLY A 91 11.72 -16.75 13.98
CA GLY A 91 11.27 -18.14 13.90
C GLY A 91 9.81 -18.35 13.54
N SER A 92 9.00 -17.30 13.63
CA SER A 92 7.56 -17.39 13.37
C SER A 92 7.02 -16.04 12.90
N LEU A 93 7.19 -15.78 11.60
CA LEU A 93 6.74 -14.54 10.98
C LEU A 93 5.40 -14.75 10.29
N THR A 94 4.40 -13.95 10.62
CA THR A 94 3.10 -14.03 9.97
C THR A 94 3.07 -12.97 8.87
N VAL A 95 2.97 -13.44 7.63
CA VAL A 95 2.89 -12.58 6.46
C VAL A 95 1.49 -12.74 5.84
N ASP A 96 0.68 -11.69 5.88
CA ASP A 96 -0.70 -11.74 5.37
C ASP A 96 -1.45 -13.01 5.84
N THR A 97 -1.42 -13.23 7.16
CA THR A 97 -2.09 -14.35 7.83
C THR A 97 -1.38 -15.69 7.76
N LYS A 98 -0.34 -15.82 6.93
CA LYS A 98 0.39 -17.06 6.83
C LYS A 98 1.61 -17.06 7.73
N VAL A 99 1.68 -18.05 8.62
CA VAL A 99 2.79 -18.17 9.54
C VAL A 99 3.92 -18.94 8.86
N LEU A 100 5.09 -18.29 8.79
CA LEU A 100 6.26 -18.82 8.12
C LEU A 100 7.39 -19.01 9.12
N SER A 101 8.20 -20.03 8.91
CA SER A 101 9.38 -20.30 9.72
C SER A 101 10.59 -20.53 8.85
N PRO A 102 11.78 -20.17 9.34
CA PRO A 102 12.96 -20.26 8.46
C PRO A 102 13.41 -21.70 8.19
N PRO A 103 14.15 -21.93 7.11
CA PRO A 103 14.65 -20.90 6.17
C PRO A 103 13.56 -20.34 5.26
N TYR A 104 13.79 -19.12 4.80
CA TYR A 104 12.87 -18.45 3.90
C TYR A 104 13.45 -18.37 2.49
N SER A 105 12.56 -18.32 1.51
CA SER A 105 12.96 -18.10 0.10
C SER A 105 12.10 -16.98 -0.43
N ILE A 106 12.74 -15.96 -0.99
CA ILE A 106 12.01 -14.84 -1.58
C ILE A 106 12.29 -14.82 -3.06
N LEU A 107 11.24 -14.84 -3.86
CA LEU A 107 11.33 -14.80 -5.33
C LEU A 107 10.90 -13.41 -5.78
N ALA A 108 11.68 -12.80 -6.65
CA ALA A 108 11.33 -11.47 -7.18
C ALA A 108 11.67 -11.40 -8.66
N ILE A 109 10.74 -10.85 -9.42
CA ILE A 109 10.89 -10.67 -10.86
C ILE A 109 11.27 -9.23 -11.13
N GLY A 110 12.35 -9.04 -11.86
CA GLY A 110 12.91 -7.71 -12.16
C GLY A 110 14.27 -7.84 -12.80
N ASP A 111 15.01 -6.75 -12.96
CA ASP A 111 16.37 -6.83 -13.50
C ASP A 111 17.29 -7.52 -12.48
N PRO A 112 17.80 -8.72 -12.82
CA PRO A 112 18.54 -9.46 -11.77
C PRO A 112 19.76 -8.74 -11.15
N PRO A 113 20.59 -8.06 -11.98
CA PRO A 113 21.69 -7.32 -11.36
C PRO A 113 21.25 -6.17 -10.42
N THR A 114 20.14 -5.50 -10.74
CA THR A 114 19.64 -4.40 -9.91
C THR A 114 19.08 -4.94 -8.60
N LEU A 115 18.29 -6.01 -8.69
CA LEU A 115 17.76 -6.64 -7.49
C LEU A 115 18.89 -7.15 -6.61
N ALA A 116 19.92 -7.77 -7.20
CA ALA A 116 21.06 -8.23 -6.42
C ALA A 116 21.81 -7.08 -5.78
N ALA A 117 22.01 -6.00 -6.53
CA ALA A 117 22.67 -4.81 -5.99
C ALA A 117 21.95 -4.28 -4.76
N ALA A 118 20.62 -4.23 -4.80
CA ALA A 118 19.83 -3.76 -3.67
C ALA A 118 20.13 -4.60 -2.45
N MET A 119 20.18 -5.92 -2.64
CA MET A 119 20.47 -6.79 -1.51
C MET A 119 21.83 -6.54 -0.87
N ASN A 120 22.79 -6.06 -1.66
CA ASN A 120 24.14 -5.83 -1.17
C ASN A 120 24.43 -4.41 -0.62
N ILE A 121 23.41 -3.58 -0.52
CA ILE A 121 23.62 -2.22 -0.01
C ILE A 121 23.81 -2.32 1.50
N PRO A 122 24.89 -1.73 2.04
CA PRO A 122 25.09 -1.80 3.49
C PRO A 122 24.01 -1.12 4.28
N GLY A 123 23.71 -1.66 5.45
CA GLY A 123 22.78 -1.05 6.38
C GLY A 123 21.34 -1.47 6.26
N GLY A 124 21.05 -2.45 5.40
CA GLY A 124 19.68 -2.91 5.24
C GLY A 124 19.45 -4.33 5.69
N ALA A 125 18.59 -5.03 4.94
CA ALA A 125 18.10 -6.34 5.34
C ALA A 125 19.22 -7.37 5.46
N GLN A 126 20.14 -7.40 4.50
CA GLN A 126 21.19 -8.42 4.56
C GLN A 126 22.07 -8.22 5.78
N ASP A 127 22.42 -6.97 6.08
CA ASP A 127 23.20 -6.71 7.28
C ASP A 127 22.44 -7.09 8.54
N GLY A 128 21.12 -6.90 8.52
CA GLY A 128 20.26 -7.34 9.63
C GLY A 128 20.25 -8.85 9.81
N VAL A 129 20.25 -9.58 8.70
CA VAL A 129 20.33 -11.02 8.75
C VAL A 129 21.67 -11.45 9.34
N LYS A 130 22.75 -10.85 8.86
CA LYS A 130 24.08 -11.20 9.31
C LYS A 130 24.26 -10.93 10.80
N ARG A 131 23.68 -9.85 11.29
CA ARG A 131 23.97 -9.44 12.68
C ARG A 131 23.33 -10.39 13.69
N VAL A 132 22.32 -11.14 13.26
CA VAL A 132 21.67 -12.12 14.14
C VAL A 132 22.15 -13.55 13.85
N GLY A 133 23.27 -13.68 13.12
CA GLY A 133 23.89 -14.97 12.87
C GLY A 133 23.31 -15.73 11.69
N GLY A 134 22.51 -15.05 10.87
CA GLY A 134 21.98 -15.68 9.66
C GLY A 134 22.83 -15.45 8.42
N ARG A 135 22.39 -16.02 7.31
CA ARG A 135 23.08 -15.96 6.02
CA ARG A 135 23.06 -15.74 6.05
C ARG A 135 22.04 -15.68 4.95
N MET A 136 22.41 -14.89 3.95
CA MET A 136 21.59 -14.69 2.77
C MET A 136 22.37 -15.16 1.55
N VAL A 137 21.69 -15.90 0.68
CA VAL A 137 22.23 -16.27 -0.65
C VAL A 137 21.32 -15.60 -1.70
N VAL A 138 21.92 -14.93 -2.67
CA VAL A 138 21.20 -14.23 -3.73
C VAL A 138 21.54 -14.87 -5.06
N GLN A 139 20.56 -15.49 -5.69
CA GLN A 139 20.75 -16.15 -6.98
C GLN A 139 20.03 -15.35 -8.08
N GLN A 140 20.82 -14.79 -9.00
CA GLN A 140 20.25 -14.20 -10.20
C GLN A 140 19.83 -15.30 -11.16
N ALA A 141 18.70 -15.11 -11.84
CA ALA A 141 18.15 -16.13 -12.71
C ALA A 141 17.49 -15.53 -13.93
N ASP A 142 17.69 -16.18 -15.06
CA ASP A 142 17.03 -15.74 -16.28
C ASP A 142 15.52 -15.97 -16.25
N ARG A 143 15.04 -16.86 -15.37
CA ARG A 143 13.62 -17.09 -15.19
C ARG A 143 13.31 -17.46 -13.74
N VAL A 144 12.37 -16.72 -13.19
CA VAL A 144 11.80 -16.96 -11.86
C VAL A 144 10.30 -17.00 -12.03
N ASP A 145 9.61 -17.94 -11.37
CA ASP A 145 8.16 -18.04 -11.44
C ASP A 145 7.52 -17.66 -10.11
N VAL A 146 6.58 -16.71 -10.16
CA VAL A 146 5.82 -16.28 -9.01
C VAL A 146 4.40 -16.75 -9.24
N THR A 147 4.01 -17.83 -8.57
CA THR A 147 2.74 -18.47 -8.85
C THR A 147 1.70 -18.31 -7.75
N ALA A 148 2.12 -17.87 -6.56
CA ALA A 148 1.18 -17.61 -5.48
C ALA A 148 0.27 -16.46 -5.88
N LEU A 149 -0.98 -16.49 -5.44
CA LEU A 149 -1.97 -15.47 -5.74
C LEU A 149 -2.43 -14.76 -4.47
N ARG A 150 -2.81 -13.51 -4.62
CA ARG A 150 -3.39 -12.77 -3.49
C ARG A 150 -4.84 -13.12 -3.30
N GLN A 151 -5.27 -13.07 -2.04
CA GLN A 151 -6.63 -13.41 -1.63
C GLN A 151 -7.31 -12.16 -1.07
N PRO A 152 -8.13 -11.47 -1.88
CA PRO A 152 -8.73 -10.20 -1.46
C PRO A 152 -9.85 -10.37 -0.44
N LYS A 153 -10.03 -9.37 0.44
CA LYS A 153 -11.20 -9.33 1.31
C LYS A 153 -12.38 -8.82 0.49
N GLN A 154 -13.59 -9.23 0.84
CA GLN A 154 -14.79 -8.82 0.11
C GLN A 154 -15.03 -7.33 0.41
N HIS A 155 -15.26 -6.53 -0.61
CA HIS A 155 -15.62 -5.13 -0.37
C HIS A 155 -17.09 -5.07 -0.01
N GLN A 156 -17.38 -4.30 1.04
CA GLN A 156 -18.75 -4.10 1.48
C GLN A 156 -19.41 -2.90 0.82
N TYR A 157 -18.63 -1.93 0.38
CA TYR A 157 -19.16 -0.64 -0.05
C TYR A 157 -18.74 -0.22 -1.46
N ALA A 158 -17.49 -0.46 -1.83
CA ALA A 158 -16.98 -0.08 -3.12
C ALA A 158 -17.28 -1.13 -4.19
N GLN A 159 -17.72 -0.64 -5.35
CA GLN A 159 -17.90 -1.48 -6.52
CA GLN A 159 -17.93 -1.46 -6.54
C GLN A 159 -17.13 -0.85 -7.68
N PRO A 160 -16.67 -1.69 -8.64
CA PRO A 160 -15.99 -1.13 -9.79
C PRO A 160 -16.96 -0.32 -10.66
N VAL A 161 -16.41 0.66 -11.38
CA VAL A 161 -17.20 1.50 -12.29
C VAL A 161 -17.17 0.94 -13.71
N ALA B 19 -14.13 -11.59 -10.53
CA ALA B 19 -14.69 -10.83 -9.36
C ALA B 19 -13.65 -10.65 -8.24
N ARG B 20 -12.67 -11.55 -8.19
CA ARG B 20 -11.51 -11.37 -7.33
C ARG B 20 -10.64 -10.23 -7.88
N LEU B 21 -10.65 -10.09 -9.21
CA LEU B 21 -9.85 -9.08 -9.90
C LEU B 21 -10.35 -7.67 -9.56
N ALA B 22 -11.67 -7.51 -9.47
CA ALA B 22 -12.27 -6.23 -9.13
C ALA B 22 -11.84 -5.73 -7.76
N ALA B 23 -11.94 -6.60 -6.75
CA ALA B 23 -11.59 -6.24 -5.39
C ALA B 23 -10.12 -5.86 -5.29
N LEU B 24 -9.25 -6.71 -5.86
CA LEU B 24 -7.81 -6.46 -5.88
C LEU B 24 -7.51 -5.17 -6.66
N SER B 25 -8.22 -4.93 -7.75
CA SER B 25 -7.99 -3.72 -8.54
C SER B 25 -8.41 -2.43 -7.82
N ILE B 26 -9.49 -2.50 -7.06
CA ILE B 26 -9.92 -1.34 -6.27
C ILE B 26 -8.94 -1.05 -5.14
N LEU B 27 -8.50 -2.09 -4.45
CA LEU B 27 -7.52 -1.94 -3.39
C LEU B 27 -6.25 -1.25 -3.87
N VAL B 28 -5.72 -1.71 -5.00
CA VAL B 28 -4.48 -1.18 -5.55
CA VAL B 28 -4.47 -1.15 -5.53
C VAL B 28 -4.68 0.20 -6.21
N GLY B 29 -5.94 0.57 -6.45
CA GLY B 29 -6.23 1.86 -7.07
C GLY B 29 -6.06 1.91 -8.56
N ALA B 30 -6.13 0.74 -9.21
CA ALA B 30 -5.94 0.64 -10.65
C ALA B 30 -7.22 0.78 -11.44
N VAL B 31 -8.37 0.70 -10.76
CA VAL B 31 -9.65 0.98 -11.41
C VAL B 31 -10.45 1.94 -10.54
N GLY B 32 -11.38 2.67 -11.15
CA GLY B 32 -12.27 3.57 -10.41
C GLY B 32 -13.23 2.77 -9.56
N ALA B 33 -13.81 3.45 -8.58
CA ALA B 33 -14.76 2.83 -7.68
C ALA B 33 -15.93 3.75 -7.41
N THR B 34 -17.07 3.15 -7.11
CA THR B 34 -18.25 3.90 -6.72
C THR B 34 -18.96 3.18 -5.57
N GLY B 35 -19.65 3.96 -4.75
CA GLY B 35 -20.40 3.44 -3.63
C GLY B 35 -20.87 4.57 -2.74
N PRO B 36 -21.53 4.23 -1.64
CA PRO B 36 -21.88 5.26 -0.68
C PRO B 36 -20.59 5.80 -0.02
N GLY B 37 -20.65 6.97 0.59
CA GLY B 37 -19.54 7.43 1.38
C GLY B 37 -19.68 8.86 1.80
N VAL B 38 -18.54 9.53 1.92
CA VAL B 38 -18.50 10.92 2.31
C VAL B 38 -17.68 11.77 1.37
N MET B 39 -18.04 13.05 1.33
CA MET B 39 -17.24 14.08 0.70
CA MET B 39 -17.23 14.07 0.71
C MET B 39 -16.88 15.05 1.79
N ILE B 40 -15.58 15.17 2.08
CA ILE B 40 -15.08 15.98 3.17
C ILE B 40 -14.38 17.20 2.59
N THR B 41 -14.75 18.39 3.03
CA THR B 41 -14.05 19.60 2.59
C THR B 41 -13.25 20.10 3.78
N ILE B 42 -11.98 20.43 3.52
CA ILE B 42 -11.12 21.03 4.53
C ILE B 42 -10.73 22.42 4.05
N ASP B 43 -11.21 23.43 4.77
CA ASP B 43 -10.86 24.83 4.52
C ASP B 43 -9.69 25.13 5.46
N ASP B 44 -8.61 25.68 4.92
CA ASP B 44 -7.40 25.90 5.69
C ASP B 44 -6.88 27.33 5.40
N PRO B 45 -7.51 28.34 5.98
CA PRO B 45 -7.21 29.73 5.62
C PRO B 45 -5.87 30.25 6.12
N GLY B 46 -5.27 29.61 7.13
CA GLY B 46 -4.00 30.09 7.69
C GLY B 46 -2.91 30.35 6.67
N PRO B 47 -2.44 29.31 5.95
CA PRO B 47 -2.79 27.90 6.17
C PRO B 47 -2.03 27.33 7.35
N GLY B 48 -2.57 26.26 7.95
CA GLY B 48 -1.90 25.59 9.03
C GLY B 48 -1.90 24.07 9.04
N VAL B 49 -2.61 23.44 8.10
CA VAL B 49 -2.73 21.98 8.10
C VAL B 49 -1.47 21.35 7.47
N ALA B 50 -0.67 20.74 8.34
CA ALA B 50 0.57 20.09 7.96
C ALA B 50 0.30 18.68 7.45
N PRO B 51 1.29 18.08 6.78
CA PRO B 51 1.06 16.72 6.28
C PRO B 51 0.63 15.72 7.37
N GLU B 52 1.15 15.83 8.58
CA GLU B 52 0.83 14.90 9.65
C GLU B 52 -0.68 14.88 9.92
N VAL B 53 -1.33 16.04 9.83
CA VAL B 53 -2.77 16.14 10.07
C VAL B 53 -3.53 15.45 8.95
N MET B 54 -3.17 15.70 7.71
CA MET B 54 -3.79 15.04 6.59
C MET B 54 -3.63 13.52 6.67
N ILE B 55 -2.43 13.06 7.06
CA ILE B 55 -2.18 11.64 7.24
C ILE B 55 -3.11 11.05 8.30
N ASP B 56 -3.30 11.76 9.40
CA ASP B 56 -4.18 11.27 10.46
C ASP B 56 -5.61 11.16 9.93
N VAL B 57 -6.07 12.13 9.15
CA VAL B 57 -7.41 12.08 8.60
C VAL B 57 -7.58 10.88 7.67
N ILE B 58 -6.63 10.68 6.76
CA ILE B 58 -6.66 9.53 5.86
C ILE B 58 -6.64 8.21 6.62
N ASN B 59 -5.76 8.10 7.60
CA ASN B 59 -5.65 6.87 8.39
C ASN B 59 -6.92 6.55 9.17
N GLU B 60 -7.57 7.59 9.70
CA GLU B 60 -8.81 7.38 10.44
CA GLU B 60 -8.82 7.37 10.44
C GLU B 60 -9.93 6.93 9.49
N LEU B 61 -9.96 7.48 8.27
CA LEU B 61 -10.98 7.06 7.31
C LEU B 61 -10.79 5.58 6.93
N ARG B 62 -9.54 5.19 6.73
CA ARG B 62 -9.25 3.78 6.42
C ARG B 62 -9.61 2.88 7.61
N ALA B 63 -9.25 3.30 8.82
CA ALA B 63 -9.57 2.51 10.02
C ALA B 63 -11.07 2.34 10.20
N ALA B 64 -11.83 3.33 9.72
CA ALA B 64 -13.27 3.31 9.81
C ALA B 64 -13.93 2.62 8.65
N GLY B 65 -13.15 1.95 7.81
CA GLY B 65 -13.70 1.11 6.76
C GLY B 65 -13.72 1.66 5.34
N ALA B 66 -13.12 2.82 5.10
CA ALA B 66 -13.09 3.35 3.75
C ALA B 66 -12.34 2.40 2.83
N GLU B 67 -12.96 2.09 1.70
CA GLU B 67 -12.42 1.13 0.76
C GLU B 67 -11.80 1.79 -0.47
N ALA B 68 -12.02 3.09 -0.66
CA ALA B 68 -11.37 3.85 -1.70
C ALA B 68 -11.37 5.29 -1.24
N ILE B 69 -10.26 6.00 -1.44
CA ILE B 69 -10.08 7.38 -1.02
C ILE B 69 -9.40 8.15 -2.13
N GLN B 70 -9.87 9.36 -2.38
CA GLN B 70 -9.27 10.28 -3.33
C GLN B 70 -9.12 11.63 -2.66
N ILE B 71 -7.98 12.30 -2.85
CA ILE B 71 -7.81 13.67 -2.34
C ILE B 71 -7.72 14.62 -3.54
N ASN B 72 -8.48 15.71 -3.49
CA ASN B 72 -8.52 16.69 -4.57
C ASN B 72 -8.18 18.07 -4.04
N ASP B 73 -7.62 18.92 -4.88
CA ASP B 73 -7.76 20.37 -4.70
C ASP B 73 -8.47 20.91 -5.94
N ALA B 74 -8.42 22.22 -6.17
CA ALA B 74 -9.10 22.81 -7.31
C ALA B 74 -8.63 22.25 -8.65
N HIS B 75 -7.39 21.76 -8.71
CA HIS B 75 -6.76 21.42 -9.99
C HIS B 75 -6.41 19.96 -10.19
N ARG B 76 -6.16 19.22 -9.10
CA ARG B 76 -5.62 17.88 -9.21
C ARG B 76 -6.33 16.92 -8.31
N SER B 77 -6.26 15.65 -8.67
CA SER B 77 -6.87 14.57 -7.92
C SER B 77 -5.85 13.46 -7.74
N VAL B 78 -5.83 12.86 -6.58
CA VAL B 78 -4.92 11.77 -6.29
C VAL B 78 -5.63 10.59 -5.64
N ARG B 79 -5.45 9.42 -6.23
CA ARG B 79 -5.93 8.17 -5.65
C ARG B 79 -5.01 7.72 -4.54
N VAL B 80 -5.54 7.54 -3.35
CA VAL B 80 -4.80 7.19 -2.21
C VAL B 80 -4.67 5.68 -2.10
N GLY B 81 -3.44 5.23 -1.90
CA GLY B 81 -3.17 3.85 -1.57
C GLY B 81 -2.53 3.74 -0.19
N VAL B 82 -2.30 2.53 0.30
CA VAL B 82 -1.75 2.37 1.64
C VAL B 82 -0.30 2.90 1.77
N ASP B 83 0.38 3.01 0.64
CA ASP B 83 1.76 3.50 0.62
C ASP B 83 1.86 4.91 0.04
N THR B 84 0.75 5.62 -0.01
CA THR B 84 0.76 7.01 -0.47
C THR B 84 1.64 7.90 0.42
N TRP B 85 2.39 8.78 -0.23
CA TRP B 85 3.19 9.79 0.43
C TRP B 85 2.42 11.08 0.58
N VAL B 86 2.44 11.64 1.78
CA VAL B 86 1.89 12.96 2.05
C VAL B 86 2.98 13.72 2.79
N VAL B 87 3.59 14.65 2.09
CA VAL B 87 4.70 15.45 2.66
C VAL B 87 4.46 16.93 2.33
N GLY B 88 5.34 17.82 2.78
CA GLY B 88 5.21 19.22 2.43
C GLY B 88 4.98 20.06 3.66
N VAL B 89 4.27 21.16 3.47
CA VAL B 89 4.07 22.18 4.51
C VAL B 89 2.64 22.70 4.39
N PRO B 90 2.15 23.37 5.44
CA PRO B 90 0.84 23.99 5.29
C PRO B 90 0.72 24.86 4.05
N GLY B 91 -0.35 24.67 3.31
CA GLY B 91 -0.60 25.36 2.08
C GLY B 91 -0.09 24.66 0.83
N SER B 92 0.76 23.66 1.00
CA SER B 92 1.41 22.97 -0.12
C SER B 92 1.74 21.55 0.30
N LEU B 93 0.74 20.68 0.19
CA LEU B 93 0.90 19.27 0.53
C LEU B 93 1.13 18.45 -0.75
N THR B 94 2.26 17.74 -0.82
CA THR B 94 2.57 16.93 -1.97
C THR B 94 2.08 15.51 -1.69
N VAL B 95 1.06 15.09 -2.44
CA VAL B 95 0.40 13.80 -2.25
C VAL B 95 0.68 12.96 -3.50
N ASP B 96 1.46 11.89 -3.32
CA ASP B 96 1.97 11.10 -4.47
C ASP B 96 2.37 11.96 -5.66
N THR B 97 3.27 12.91 -5.37
CA THR B 97 3.87 13.85 -6.32
C THR B 97 3.03 15.06 -6.69
N LYS B 98 1.73 15.04 -6.42
CA LYS B 98 0.90 16.15 -6.80
C LYS B 98 0.84 17.20 -5.70
N VAL B 99 1.25 18.42 -6.03
CA VAL B 99 1.31 19.49 -5.05
C VAL B 99 -0.06 20.16 -4.95
N LEU B 100 -0.72 19.91 -3.82
CA LEU B 100 -2.07 20.36 -3.56
C LEU B 100 -2.09 21.57 -2.62
N SER B 101 -3.03 22.49 -2.85
CA SER B 101 -3.21 23.64 -1.98
C SER B 101 -4.68 23.76 -1.60
N PRO B 102 -4.95 24.32 -0.42
CA PRO B 102 -6.32 24.31 0.10
C PRO B 102 -7.23 25.28 -0.66
N PRO B 103 -8.56 25.08 -0.58
CA PRO B 103 -9.22 24.02 0.17
C PRO B 103 -9.04 22.63 -0.46
N TYR B 104 -9.05 21.63 0.39
CA TYR B 104 -8.98 20.25 -0.05
C TYR B 104 -10.34 19.58 0.02
N SER B 105 -10.53 18.59 -0.83
CA SER B 105 -11.69 17.70 -0.83
CA SER B 105 -11.67 17.69 -0.68
C SER B 105 -11.20 16.26 -0.67
N ILE B 106 -11.83 15.47 0.19
CA ILE B 106 -11.51 14.06 0.30
C ILE B 106 -12.77 13.28 -0.01
N LEU B 107 -12.71 12.38 -0.98
CA LEU B 107 -13.84 11.53 -1.32
C LEU B 107 -13.50 10.16 -0.78
N ALA B 108 -14.36 9.57 0.05
CA ALA B 108 -14.11 8.27 0.63
C ALA B 108 -15.35 7.40 0.50
N ILE B 109 -15.20 6.18 0.00
CA ILE B 109 -16.30 5.21 -0.11
C ILE B 109 -16.28 4.29 1.10
N GLY B 110 -17.41 4.22 1.79
CA GLY B 110 -17.57 3.40 2.98
C GLY B 110 -18.95 3.66 3.56
N ASP B 111 -19.19 3.19 4.76
CA ASP B 111 -20.50 3.44 5.38
C ASP B 111 -20.56 4.93 5.75
N PRO B 112 -21.51 5.69 5.17
CA PRO B 112 -21.42 7.15 5.42
C PRO B 112 -21.47 7.59 6.91
N PRO B 113 -22.42 7.08 7.69
CA PRO B 113 -22.39 7.54 9.08
C PRO B 113 -21.21 7.01 9.91
N THR B 114 -20.62 5.87 9.52
CA THR B 114 -19.40 5.39 10.17
C THR B 114 -18.22 6.31 9.89
N LEU B 115 -18.08 6.71 8.63
CA LEU B 115 -16.99 7.59 8.26
C LEU B 115 -17.19 8.97 8.91
N ALA B 116 -18.43 9.44 8.95
CA ALA B 116 -18.72 10.75 9.57
C ALA B 116 -18.44 10.68 11.06
N ALA B 117 -18.84 9.60 11.72
CA ALA B 117 -18.59 9.44 13.16
C ALA B 117 -17.11 9.45 13.45
N ALA B 118 -16.32 8.83 12.57
CA ALA B 118 -14.87 8.76 12.75
C ALA B 118 -14.27 10.15 12.72
N MET B 119 -14.80 11.01 11.86
CA MET B 119 -14.35 12.40 11.79
C MET B 119 -14.82 13.23 12.99
N ASN B 120 -15.74 12.74 13.79
CA ASN B 120 -16.27 13.48 14.92
C ASN B 120 -15.86 12.90 16.28
N ILE B 121 -14.88 11.99 16.29
CA ILE B 121 -14.38 11.41 17.55
CA ILE B 121 -14.35 11.41 17.53
C ILE B 121 -13.77 12.53 18.39
N PRO B 122 -14.18 12.63 19.69
CA PRO B 122 -13.52 13.62 20.55
C PRO B 122 -12.01 13.35 20.60
N GLY B 123 -11.22 14.36 20.29
CA GLY B 123 -9.78 14.24 20.28
C GLY B 123 -9.21 13.67 19.01
N GLY B 124 -10.08 13.42 18.05
CA GLY B 124 -9.69 12.73 16.84
C GLY B 124 -9.01 13.62 15.83
N ALA B 125 -8.82 13.05 14.65
CA ALA B 125 -8.05 13.65 13.58
C ALA B 125 -8.47 15.08 13.22
N GLN B 126 -9.77 15.33 13.25
CA GLN B 126 -10.36 16.66 12.92
CA GLN B 126 -10.31 16.64 12.90
C GLN B 126 -9.84 17.78 13.83
N ASP B 127 -9.42 17.44 15.05
CA ASP B 127 -8.88 18.48 15.94
C ASP B 127 -7.59 19.10 15.40
N GLY B 128 -6.81 18.34 14.65
CA GLY B 128 -5.63 18.91 13.98
C GLY B 128 -5.96 20.00 13.00
N VAL B 129 -7.12 19.86 12.33
CA VAL B 129 -7.59 20.87 11.43
C VAL B 129 -8.11 22.04 12.23
N LYS B 130 -8.90 21.77 13.27
CA LYS B 130 -9.52 22.86 14.04
C LYS B 130 -8.50 23.72 14.76
N ARG B 131 -7.52 23.07 15.36
CA ARG B 131 -6.59 23.81 16.19
C ARG B 131 -5.70 24.78 15.43
N VAL B 132 -5.65 24.66 14.09
CA VAL B 132 -4.89 25.59 13.24
C VAL B 132 -5.78 26.59 12.48
N GLY B 133 -7.04 26.68 12.87
CA GLY B 133 -7.94 27.65 12.31
C GLY B 133 -8.66 27.11 11.09
N GLY B 134 -8.53 25.82 10.81
CA GLY B 134 -9.24 25.23 9.69
C GLY B 134 -10.66 24.80 10.07
N ARG B 135 -11.43 24.45 9.06
CA ARG B 135 -12.77 23.87 9.28
CA ARG B 135 -12.74 23.84 9.29
C ARG B 135 -12.94 22.66 8.37
N MET B 136 -13.70 21.70 8.86
CA MET B 136 -14.01 20.49 8.11
C MET B 136 -15.52 20.37 8.01
N VAL B 137 -16.01 20.10 6.80
CA VAL B 137 -17.41 19.79 6.57
C VAL B 137 -17.44 18.36 6.01
N VAL B 138 -18.27 17.52 6.60
CA VAL B 138 -18.39 16.12 6.19
C VAL B 138 -19.80 15.90 5.64
N GLN B 139 -19.91 15.69 4.35
CA GLN B 139 -21.18 15.41 3.69
C GLN B 139 -21.32 13.93 3.43
N GLN B 140 -22.41 13.33 3.91
CA GLN B 140 -22.72 11.93 3.65
C GLN B 140 -23.50 11.82 2.35
N ALA B 141 -23.13 10.89 1.46
CA ALA B 141 -23.70 10.79 0.14
C ALA B 141 -24.02 9.36 -0.27
N ASP B 142 -25.14 9.17 -0.97
CA ASP B 142 -25.55 7.86 -1.47
CA ASP B 142 -25.50 7.83 -1.40
C ASP B 142 -24.56 7.31 -2.51
N ARG B 143 -23.92 8.23 -3.25
CA ARG B 143 -23.00 7.87 -4.31
C ARG B 143 -21.80 8.82 -4.34
N VAL B 144 -20.63 8.22 -4.20
CA VAL B 144 -19.36 8.90 -4.29
C VAL B 144 -18.56 8.15 -5.36
N ASP B 145 -18.00 8.87 -6.31
CA ASP B 145 -17.20 8.29 -7.38
C ASP B 145 -15.75 8.63 -7.17
N VAL B 146 -14.95 7.60 -6.94
CA VAL B 146 -13.51 7.72 -6.85
C VAL B 146 -12.95 7.32 -8.22
N THR B 147 -12.64 8.33 -9.02
CA THR B 147 -12.26 8.15 -10.41
C THR B 147 -10.77 8.22 -10.66
N ALA B 148 -10.03 8.87 -9.76
CA ALA B 148 -8.60 8.95 -9.92
C ALA B 148 -8.00 7.58 -9.82
N LEU B 149 -6.93 7.35 -10.57
CA LEU B 149 -6.24 6.07 -10.57
C LEU B 149 -4.79 6.31 -10.14
N ARG B 150 -4.20 5.32 -9.51
CA ARG B 150 -2.78 5.44 -9.17
C ARG B 150 -1.96 5.34 -10.43
N GLN B 151 -0.81 6.00 -10.41
CA GLN B 151 0.07 6.09 -11.58
C GLN B 151 0.34 4.69 -12.15
N PRO B 152 -0.15 4.43 -13.37
CA PRO B 152 0.15 3.16 -14.01
C PRO B 152 1.59 3.12 -14.54
N LYS B 153 2.15 1.91 -14.56
CA LYS B 153 3.44 1.65 -15.18
C LYS B 153 3.45 0.25 -15.78
N GLN B 154 4.01 0.13 -16.98
CA GLN B 154 4.03 -1.15 -17.67
C GLN B 154 5.11 -2.03 -17.07
N HIS B 155 4.84 -3.33 -17.10
CA HIS B 155 5.83 -4.31 -16.67
C HIS B 155 6.88 -4.49 -17.77
N GLN B 156 8.14 -4.32 -17.38
CA GLN B 156 9.27 -4.57 -18.24
C GLN B 156 9.81 -5.99 -18.15
N TYR B 157 9.55 -6.66 -17.03
CA TYR B 157 10.16 -7.98 -16.77
C TYR B 157 9.14 -9.08 -16.57
N ALA B 158 8.07 -8.78 -15.83
CA ALA B 158 7.03 -9.76 -15.55
C ALA B 158 6.13 -9.99 -16.78
N GLN B 159 5.85 -11.26 -17.06
CA GLN B 159 4.92 -11.68 -18.11
C GLN B 159 3.96 -12.68 -17.53
N PRO B 160 2.77 -12.81 -18.13
CA PRO B 160 1.84 -13.84 -17.69
C PRO B 160 2.36 -15.27 -17.91
N VAL B 161 2.00 -16.17 -17.01
CA VAL B 161 2.38 -17.58 -17.13
C VAL B 161 1.55 -18.29 -18.21
#